data_4G7F
#
_entry.id   4G7F
#
_cell.length_a   75.290
_cell.length_b   119.310
_cell.length_c   110.360
_cell.angle_alpha   90.00
_cell.angle_beta   90.00
_cell.angle_gamma   90.00
#
_symmetry.space_group_name_H-M   'C 2 2 21'
#
loop_
_entity.id
_entity.type
_entity.pdbx_description
1 polymer Enolase
2 non-polymer 'MAGNESIUM ION'
3 non-polymer 1,2-ETHANEDIOL
4 water water
#
_entity_poly.entity_id   1
_entity_poly.type   'polypeptide(L)'
_entity_poly.pdbx_seq_one_letter_code
;MTIQKVHGREILDSRGNPTVEVEVTTELGVFRSAVPSGASTGIHEACELRDDDKRRYLGKGCLNAVKNVNDVLAPALVGK
DELQQSTLDKLMRDLDGTPNKSKLGANAILGCSMAISKAAAARKGVPLYRYLAELAGTKEVRLPVPCFNVINGGKHAGNA
LPFQEFMIAPVKAGSFNEALRMGAEVYHSLKSIIKKKYGQDAVNVGDEGGFAPPITDINEPLPILMEAIEQAGHKGRFAI
CMDSAASETYDENKKQYNLTFKSPEATWVTAKQLAETYAKWVSEYPIVSLEDPYDQDDFDGFAGITEALKGKAQVVGDDL
TVTNVSRIKTAIEKKACNSLLLKINQIGTITEAIEASKFCMSNGWSVMVSHRSGETEDTYIADLVVGLGTGQIKTGAPCR
GERTAKLNQLLRIEEELGAHAKFGFPAWS
;
_entity_poly.pdbx_strand_id   A
#
loop_
_chem_comp.id
_chem_comp.type
_chem_comp.name
_chem_comp.formula
EDO non-polymer 1,2-ETHANEDIOL 'C2 H6 O2'
MG non-polymer 'MAGNESIUM ION' 'Mg 2'
#
# COMPACT_ATOMS: atom_id res chain seq x y z
N MET A 1 -1.41 9.79 -33.35
CA MET A 1 -2.06 8.70 -32.58
C MET A 1 -1.11 8.04 -31.55
N THR A 2 0.13 8.50 -31.52
CA THR A 2 1.19 7.73 -30.90
C THR A 2 1.88 8.58 -29.79
N ILE A 3 2.75 7.93 -29.04
CA ILE A 3 3.53 8.63 -28.04
C ILE A 3 4.55 9.55 -28.73
N GLN A 4 4.64 10.79 -28.27
CA GLN A 4 5.44 11.80 -28.90
C GLN A 4 6.70 12.13 -28.11
N LYS A 5 6.67 11.86 -26.81
CA LYS A 5 7.75 12.25 -25.91
C LYS A 5 7.59 11.48 -24.62
N VAL A 6 8.74 11.12 -24.07
CA VAL A 6 8.82 10.49 -22.79
C VAL A 6 10.03 11.14 -22.11
N HIS A 7 9.81 11.64 -20.89
CA HIS A 7 10.86 12.27 -20.11
C HIS A 7 10.80 11.90 -18.65
N GLY A 8 11.98 11.73 -18.06
CA GLY A 8 12.14 11.48 -16.64
C GLY A 8 12.82 12.66 -15.97
N ARG A 9 12.53 12.85 -14.69
CA ARG A 9 13.23 13.86 -13.86
C ARG A 9 13.25 13.33 -12.42
N GLU A 10 14.25 13.74 -11.66
CA GLU A 10 14.33 13.41 -10.25
C GLU A 10 13.52 14.43 -9.43
N ILE A 11 12.63 13.96 -8.57
CA ILE A 11 11.87 14.84 -7.67
C ILE A 11 12.04 14.43 -6.23
N LEU A 12 11.48 15.19 -5.28
CA LEU A 12 11.63 14.82 -3.87
C LEU A 12 10.41 14.03 -3.40
N ASP A 13 10.57 12.99 -2.57
CA ASP A 13 9.42 12.27 -2.03
C ASP A 13 9.04 12.91 -0.70
N SER A 14 8.09 12.29 0.02
CA SER A 14 7.54 12.90 1.22
C SER A 14 8.44 12.85 2.46
N ARG A 15 9.54 12.12 2.41
CA ARG A 15 10.46 12.20 3.56
C ARG A 15 11.81 12.76 3.16
N GLY A 16 11.84 13.41 2.02
CA GLY A 16 13.01 14.18 1.64
C GLY A 16 14.03 13.36 0.87
N ASN A 17 13.57 12.30 0.22
CA ASN A 17 14.45 11.52 -0.65
C ASN A 17 14.04 11.60 -2.11
N PRO A 18 15.03 11.49 -3.02
CA PRO A 18 14.68 11.62 -4.43
C PRO A 18 13.87 10.46 -4.91
N THR A 19 13.02 10.68 -5.89
CA THR A 19 12.48 9.55 -6.61
C THR A 19 12.27 9.97 -8.03
N VAL A 20 11.68 9.10 -8.80
CA VAL A 20 11.53 9.27 -10.23
C VAL A 20 10.14 9.69 -10.63
N GLU A 21 10.08 10.72 -11.47
CA GLU A 21 8.82 11.15 -12.12
C GLU A 21 8.95 11.03 -13.66
N VAL A 22 7.90 10.55 -14.29
CA VAL A 22 7.89 10.40 -15.74
C VAL A 22 6.66 11.11 -16.38
N GLU A 23 6.90 11.86 -17.44
CA GLU A 23 5.82 12.39 -18.26
C GLU A 23 5.84 11.70 -19.65
N VAL A 24 4.67 11.26 -20.09
CA VAL A 24 4.44 10.78 -21.44
C VAL A 24 3.57 11.83 -22.13
N THR A 25 4.08 12.38 -23.21
CA THR A 25 3.33 13.35 -23.99
C THR A 25 2.72 12.70 -25.23
N THR A 26 1.46 13.02 -25.47
CA THR A 26 0.80 12.75 -26.74
C THR A 26 0.08 14.04 -27.19
N GLU A 27 -0.60 13.97 -28.34
CA GLU A 27 -1.38 15.12 -28.79
C GLU A 27 -2.45 15.45 -27.75
N LEU A 28 -2.88 14.46 -26.95
CA LEU A 28 -3.91 14.67 -25.91
C LEU A 28 -3.40 15.36 -24.64
N GLY A 29 -2.11 15.35 -24.37
CA GLY A 29 -1.61 16.11 -23.24
C GLY A 29 -0.34 15.54 -22.65
N VAL A 30 -0.04 16.02 -21.46
CA VAL A 30 1.17 15.59 -20.74
C VAL A 30 0.70 14.80 -19.52
N PHE A 31 1.03 13.51 -19.51
CA PHE A 31 0.56 12.58 -18.50
C PHE A 31 1.71 12.23 -17.54
N ARG A 32 1.49 12.51 -16.25
CA ARG A 32 2.61 12.54 -15.29
C ARG A 32 2.37 11.57 -14.12
N SER A 33 3.35 10.69 -13.91
CA SER A 33 3.36 9.69 -12.86
C SER A 33 4.68 9.70 -12.11
N ALA A 34 4.60 9.50 -10.79
CA ALA A 34 5.78 9.42 -9.94
C ALA A 34 5.80 8.11 -9.16
N VAL A 35 6.97 7.68 -8.82
CA VAL A 35 7.17 6.41 -8.20
C VAL A 35 7.32 6.54 -6.70
N PRO A 36 6.69 5.68 -5.94
CA PRO A 36 6.90 5.71 -4.50
C PRO A 36 8.10 4.85 -4.13
N SER A 37 8.47 4.88 -2.83
CA SER A 37 9.61 4.15 -2.34
C SER A 37 9.48 3.76 -0.88
N GLY A 38 9.75 2.50 -0.54
CA GLY A 38 9.55 2.03 0.82
C GLY A 38 10.83 1.85 1.62
N ILE A 43 14.55 -8.65 -0.37
CA ILE A 43 15.36 -9.42 -1.30
C ILE A 43 14.59 -9.79 -2.56
N HIS A 44 13.28 -9.98 -2.43
CA HIS A 44 12.49 -10.57 -3.51
C HIS A 44 11.76 -9.54 -4.36
N GLU A 45 11.97 -8.26 -4.10
CA GLU A 45 11.26 -7.31 -4.91
C GLU A 45 12.06 -6.83 -6.11
N ALA A 46 11.34 -6.22 -7.04
CA ALA A 46 11.95 -5.53 -8.15
C ALA A 46 12.91 -4.44 -7.65
N CYS A 47 14.03 -4.34 -8.33
CA CYS A 47 15.09 -3.45 -7.93
C CYS A 47 14.72 -1.95 -8.06
N GLU A 48 14.96 -1.23 -6.98
CA GLU A 48 14.91 0.21 -6.97
C GLU A 48 16.35 0.72 -7.14
N LEU A 49 16.62 1.34 -8.28
CA LEU A 49 17.96 1.76 -8.63
C LEU A 49 18.29 3.14 -8.07
N ARG A 50 19.38 3.21 -7.30
CA ARG A 50 19.85 4.41 -6.62
C ARG A 50 21.25 4.68 -7.11
N ASP A 51 21.77 5.89 -6.97
CA ASP A 51 23.10 6.14 -7.55
C ASP A 51 24.22 5.79 -6.59
N ASP A 52 23.93 5.79 -5.28
CA ASP A 52 24.96 5.58 -4.27
C ASP A 52 26.15 6.53 -4.44
N ASP A 53 25.90 7.76 -4.93
CA ASP A 53 26.91 8.81 -4.86
C ASP A 53 26.71 9.47 -3.51
N LYS A 54 27.68 9.28 -2.62
CA LYS A 54 27.57 9.82 -1.28
C LYS A 54 27.57 11.36 -1.20
N ARG A 55 27.97 12.05 -2.26
CA ARG A 55 28.00 13.52 -2.27
C ARG A 55 26.63 14.13 -2.61
N ARG A 56 25.71 13.31 -3.11
CA ARG A 56 24.31 13.73 -3.39
C ARG A 56 23.26 12.92 -2.62
N TYR A 57 22.51 13.58 -1.76
CA TYR A 57 21.42 12.93 -1.05
C TYR A 57 21.83 11.70 -0.28
N LEU A 58 23.06 11.65 0.23
CA LEU A 58 23.51 10.50 1.02
C LEU A 58 23.32 9.18 0.22
N GLY A 59 23.72 9.23 -1.06
CA GLY A 59 23.70 8.07 -1.93
C GLY A 59 22.37 7.75 -2.58
N LYS A 60 21.31 8.50 -2.23
CA LYS A 60 19.92 8.11 -2.56
C LYS A 60 19.41 8.79 -3.87
N GLY A 61 20.34 9.42 -4.61
CA GLY A 61 20.01 10.09 -5.88
C GLY A 61 19.38 9.16 -6.93
N CYS A 62 18.59 9.71 -7.85
CA CYS A 62 18.01 8.89 -8.90
C CYS A 62 18.44 9.30 -10.32
N LEU A 63 19.62 9.90 -10.45
CA LEU A 63 20.08 10.33 -11.78
C LEU A 63 20.16 9.17 -12.76
N ASN A 64 20.56 7.97 -12.29
CA ASN A 64 20.82 6.88 -13.24
C ASN A 64 19.52 6.29 -13.73
N ALA A 65 18.55 6.18 -12.83
CA ALA A 65 17.22 5.72 -13.21
C ALA A 65 16.58 6.69 -14.21
N VAL A 66 16.68 7.98 -13.95
CA VAL A 66 16.21 9.02 -14.88
C VAL A 66 16.95 8.85 -16.21
N LYS A 67 18.29 8.78 -16.18
CA LYS A 67 19.05 8.63 -17.44
C LYS A 67 18.47 7.44 -18.18
N ASN A 68 18.13 6.37 -17.47
CA ASN A 68 17.58 5.19 -18.14
C ASN A 68 16.22 5.42 -18.77
N VAL A 69 15.38 6.26 -18.14
CA VAL A 69 14.14 6.65 -18.78
C VAL A 69 14.49 7.38 -20.11
N ASN A 70 15.36 8.37 -20.04
CA ASN A 70 15.55 9.29 -21.15
C ASN A 70 16.39 8.76 -22.30
N ASP A 71 17.25 7.78 -22.04
CA ASP A 71 18.25 7.34 -22.99
C ASP A 71 17.93 5.95 -23.57
N VAL A 72 17.22 5.13 -22.82
CA VAL A 72 16.87 3.79 -23.28
C VAL A 72 15.37 3.63 -23.47
N LEU A 73 14.59 3.96 -22.45
CA LEU A 73 13.18 3.65 -22.52
C LEU A 73 12.47 4.60 -23.50
N ALA A 74 12.72 5.90 -23.36
CA ALA A 74 12.07 6.91 -24.21
C ALA A 74 12.15 6.61 -25.71
N PRO A 75 13.38 6.40 -26.27
CA PRO A 75 13.56 6.13 -27.72
C PRO A 75 12.85 4.86 -28.16
N ALA A 76 12.68 3.99 -27.19
CA ALA A 76 11.94 2.76 -27.41
C ALA A 76 10.42 2.97 -27.39
N LEU A 77 9.94 4.00 -26.71
CA LEU A 77 8.48 4.20 -26.56
C LEU A 77 7.88 5.24 -27.54
N VAL A 78 8.69 6.18 -27.97
CA VAL A 78 8.26 7.20 -28.91
C VAL A 78 7.81 6.58 -30.23
N GLY A 79 6.68 7.03 -30.75
CA GLY A 79 6.12 6.44 -31.96
C GLY A 79 5.25 5.23 -31.68
N LYS A 80 5.06 4.89 -30.42
CA LYS A 80 4.19 3.76 -30.11
C LYS A 80 2.77 4.16 -29.64
N ASP A 81 1.93 3.15 -29.65
CA ASP A 81 0.52 3.26 -29.37
C ASP A 81 0.33 2.97 -27.87
N GLU A 82 0.14 4.04 -27.10
CA GLU A 82 0.06 3.98 -25.66
C GLU A 82 -1.12 3.08 -25.15
N LEU A 83 -2.03 2.74 -26.05
CA LEU A 83 -3.18 1.88 -25.75
C LEU A 83 -2.77 0.47 -25.44
N GLN A 84 -1.56 0.13 -25.83
CA GLN A 84 -1.10 -1.22 -25.78
C GLN A 84 -0.33 -1.54 -24.51
N GLN A 85 -1.00 -1.55 -23.37
CA GLN A 85 -0.32 -1.59 -22.08
C GLN A 85 0.59 -2.84 -21.98
N SER A 86 -0.02 -4.00 -22.15
CA SER A 86 0.63 -5.28 -22.07
C SER A 86 1.87 -5.37 -22.97
N THR A 87 1.71 -4.95 -24.22
CA THR A 87 2.78 -5.00 -25.19
C THR A 87 3.90 -4.09 -24.78
N LEU A 88 3.59 -2.85 -24.38
CA LEU A 88 4.65 -1.93 -24.01
C LEU A 88 5.29 -2.30 -22.68
N ASP A 89 4.52 -2.84 -21.76
CA ASP A 89 5.10 -3.27 -20.51
C ASP A 89 6.12 -4.42 -20.76
N LYS A 90 5.80 -5.37 -21.64
CA LYS A 90 6.75 -6.42 -22.02
C LYS A 90 7.99 -5.83 -22.67
N LEU A 91 7.83 -4.87 -23.60
CA LEU A 91 8.98 -4.31 -24.30
C LEU A 91 9.92 -3.71 -23.29
N MET A 92 9.38 -3.00 -22.32
CA MET A 92 10.21 -2.38 -21.30
C MET A 92 10.89 -3.43 -20.43
N ARG A 93 10.20 -4.50 -20.10
CA ARG A 93 10.83 -5.56 -19.31
C ARG A 93 11.94 -6.25 -20.11
N ASP A 94 11.71 -6.47 -21.40
CA ASP A 94 12.70 -7.11 -22.27
C ASP A 94 13.87 -6.19 -22.55
N LEU A 95 13.68 -4.89 -22.36
CA LEU A 95 14.78 -3.95 -22.57
C LEU A 95 15.74 -4.04 -21.42
N ASP A 96 15.22 -4.33 -20.25
CA ASP A 96 16.05 -4.40 -19.07
C ASP A 96 16.75 -5.74 -19.17
N GLY A 97 15.98 -6.80 -19.37
CA GLY A 97 16.49 -8.12 -19.63
C GLY A 97 16.61 -9.01 -18.41
N THR A 98 16.42 -8.46 -17.22
CA THR A 98 16.65 -9.22 -15.99
C THR A 98 15.36 -9.48 -15.21
N PRO A 99 15.33 -10.58 -14.44
CA PRO A 99 14.06 -10.95 -13.82
C PRO A 99 13.58 -9.96 -12.79
N ASN A 100 14.49 -9.24 -12.17
CA ASN A 100 14.13 -8.30 -11.12
C ASN A 100 14.25 -6.82 -11.50
N LYS A 101 14.40 -6.53 -12.78
CA LYS A 101 14.49 -5.14 -13.28
C LYS A 101 15.75 -4.34 -12.82
N SER A 102 16.89 -5.02 -12.69
CA SER A 102 18.05 -4.45 -12.01
C SER A 102 19.02 -3.75 -12.91
N LYS A 103 18.72 -3.67 -14.20
CA LYS A 103 19.59 -2.97 -15.13
C LYS A 103 19.01 -1.59 -15.34
N LEU A 104 17.74 -1.51 -15.69
CA LEU A 104 17.10 -0.20 -15.88
C LEU A 104 16.49 0.31 -14.59
N GLY A 105 16.06 -0.61 -13.73
CA GLY A 105 15.42 -0.25 -12.48
C GLY A 105 13.90 -0.21 -12.53
N ALA A 106 13.27 -0.83 -11.54
CA ALA A 106 11.81 -0.80 -11.44
C ALA A 106 11.29 0.64 -11.30
N ASN A 107 12.09 1.53 -10.72
CA ASN A 107 11.68 2.92 -10.60
C ASN A 107 11.68 3.67 -11.97
N ALA A 108 12.57 3.28 -12.90
CA ALA A 108 12.51 3.83 -14.28
C ALA A 108 11.30 3.33 -15.03
N ILE A 109 11.11 2.03 -14.96
CA ILE A 109 10.07 1.38 -15.74
C ILE A 109 8.64 1.66 -15.25
N LEU A 110 8.43 1.69 -13.94
CA LEU A 110 7.06 1.80 -13.45
C LEU A 110 6.48 3.15 -13.86
N GLY A 111 7.32 4.17 -13.76
CA GLY A 111 6.92 5.53 -14.06
C GLY A 111 6.42 5.60 -15.49
N CYS A 112 7.10 4.88 -16.39
CA CYS A 112 6.68 4.83 -17.77
C CYS A 112 5.36 4.10 -17.91
N SER A 113 5.26 2.97 -17.23
CA SER A 113 4.09 2.12 -17.29
C SER A 113 2.80 2.84 -16.85
N MET A 114 2.92 3.59 -15.75
CA MET A 114 1.85 4.38 -15.18
C MET A 114 1.41 5.47 -16.17
N ALA A 115 2.35 6.33 -16.53
CA ALA A 115 2.07 7.45 -17.40
C ALA A 115 1.51 6.98 -18.72
N ILE A 116 1.98 5.87 -19.24
CA ILE A 116 1.46 5.34 -20.48
C ILE A 116 -0.03 5.02 -20.33
N SER A 117 -0.38 4.35 -19.23
CA SER A 117 -1.76 3.97 -18.96
C SER A 117 -2.65 5.21 -18.81
N LYS A 118 -2.08 6.31 -18.33
CA LYS A 118 -2.85 7.54 -18.20
C LYS A 118 -3.13 8.18 -19.57
N ALA A 119 -2.10 8.19 -20.42
CA ALA A 119 -2.23 8.63 -21.83
C ALA A 119 -3.25 7.77 -22.53
N ALA A 120 -3.27 6.50 -22.17
CA ALA A 120 -4.16 5.57 -22.84
C ALA A 120 -5.58 5.84 -22.38
N ALA A 121 -5.74 6.24 -21.13
CA ALA A 121 -7.09 6.49 -20.63
C ALA A 121 -7.68 7.72 -21.35
N ALA A 122 -6.86 8.79 -21.51
CA ALA A 122 -7.26 9.94 -22.29
C ALA A 122 -7.64 9.53 -23.71
N ARG A 123 -6.84 8.63 -24.29
CA ARG A 123 -7.04 8.22 -25.69
C ARG A 123 -8.42 7.57 -25.82
N LYS A 124 -8.80 6.80 -24.81
CA LYS A 124 -10.09 6.13 -24.80
C LYS A 124 -11.27 7.07 -24.32
N GLY A 125 -10.95 8.28 -23.85
CA GLY A 125 -11.95 9.22 -23.37
C GLY A 125 -12.58 8.78 -22.06
N VAL A 126 -11.84 8.10 -21.19
CA VAL A 126 -12.37 7.67 -19.92
C VAL A 126 -11.41 8.04 -18.79
N PRO A 127 -11.94 8.16 -17.57
CA PRO A 127 -11.00 8.40 -16.45
C PRO A 127 -10.13 7.18 -16.20
N LEU A 128 -8.97 7.39 -15.60
CA LEU A 128 -8.00 6.33 -15.36
C LEU A 128 -8.57 5.05 -14.71
N TYR A 129 -9.42 5.20 -13.69
CA TYR A 129 -10.01 4.05 -13.02
C TYR A 129 -10.88 3.21 -13.93
N ARG A 130 -11.58 3.84 -14.88
CA ARG A 130 -12.40 3.09 -15.82
C ARG A 130 -11.51 2.29 -16.74
N TYR A 131 -10.44 2.93 -17.19
CA TYR A 131 -9.46 2.26 -18.04
C TYR A 131 -8.79 1.07 -17.33
N LEU A 132 -8.36 1.27 -16.09
CA LEU A 132 -7.77 0.18 -15.32
C LEU A 132 -8.78 -0.94 -15.14
N ALA A 133 -10.06 -0.61 -14.97
CA ALA A 133 -11.04 -1.65 -14.74
C ALA A 133 -11.11 -2.53 -15.97
N GLU A 134 -11.12 -1.90 -17.14
CA GLU A 134 -11.16 -2.65 -18.38
C GLU A 134 -9.93 -3.60 -18.51
N LEU A 135 -8.71 -3.08 -18.30
CA LEU A 135 -7.48 -3.91 -18.44
C LEU A 135 -7.50 -5.08 -17.48
N ALA A 136 -8.20 -4.88 -16.37
CA ALA A 136 -8.25 -5.84 -15.29
C ALA A 136 -9.49 -6.73 -15.42
N GLY A 137 -10.38 -6.41 -16.36
CA GLY A 137 -11.64 -7.12 -16.49
C GLY A 137 -12.44 -7.04 -15.20
N THR A 138 -12.31 -5.94 -14.48
CA THR A 138 -13.12 -5.74 -13.29
C THR A 138 -14.62 -5.68 -13.64
N LYS A 139 -15.44 -6.49 -12.98
CA LYS A 139 -16.88 -6.53 -13.27
C LYS A 139 -17.63 -5.34 -12.60
N GLU A 140 -17.22 -4.97 -11.39
CA GLU A 140 -17.79 -3.79 -10.77
C GLU A 140 -16.79 -2.95 -10.00
N VAL A 141 -16.60 -1.71 -10.41
CA VAL A 141 -15.71 -0.86 -9.63
C VAL A 141 -16.39 -0.47 -8.34
N ARG A 142 -15.59 -0.03 -7.37
CA ARG A 142 -16.11 0.39 -6.10
C ARG A 142 -15.06 1.19 -5.36
N LEU A 143 -15.53 2.02 -4.45
CA LEU A 143 -14.65 2.76 -3.58
C LEU A 143 -14.25 1.92 -2.41
N PRO A 144 -13.01 2.06 -1.98
CA PRO A 144 -12.43 1.18 -0.97
C PRO A 144 -12.70 1.70 0.42
N VAL A 145 -12.72 0.81 1.39
CA VAL A 145 -12.66 1.22 2.76
C VAL A 145 -11.21 1.54 3.03
N PRO A 146 -10.95 2.76 3.54
CA PRO A 146 -9.61 3.26 3.86
C PRO A 146 -9.18 2.78 5.24
N CYS A 147 -8.02 2.11 5.28
CA CYS A 147 -7.45 1.65 6.53
C CYS A 147 -6.36 2.65 6.89
N PHE A 148 -6.68 3.51 7.84
CA PHE A 148 -5.82 4.61 8.21
C PHE A 148 -4.86 4.22 9.32
N ASN A 149 -3.60 4.55 9.09
CA ASN A 149 -2.55 4.40 10.08
C ASN A 149 -2.59 5.43 11.20
N VAL A 150 -2.91 5.04 12.41
CA VAL A 150 -3.03 6.04 13.49
C VAL A 150 -2.09 5.86 14.67
N ILE A 151 -1.60 4.64 14.90
CA ILE A 151 -0.67 4.37 16.02
C ILE A 151 0.55 3.52 15.60
N ASN A 152 1.76 4.05 15.83
CA ASN A 152 3.03 3.38 15.45
C ASN A 152 3.85 2.69 16.57
N GLY A 153 4.46 1.57 16.19
CA GLY A 153 5.37 0.83 17.05
C GLY A 153 6.46 0.19 16.23
N GLY A 154 7.05 -0.86 16.79
CA GLY A 154 8.13 -1.60 16.12
C GLY A 154 9.31 -0.70 15.77
N LYS A 155 9.81 -0.82 14.54
CA LYS A 155 11.03 -0.09 14.17
C LYS A 155 10.81 1.42 13.99
N HIS A 156 9.60 1.85 13.74
CA HIS A 156 9.37 3.26 13.75
C HIS A 156 9.38 4.00 15.09
N ALA A 157 8.60 3.58 16.06
CA ALA A 157 8.47 4.33 17.33
C ALA A 157 9.44 3.97 18.44
N GLY A 158 9.84 4.98 19.20
CA GLY A 158 10.62 4.71 20.39
C GLY A 158 9.70 4.25 21.50
N ASN A 159 8.54 3.70 21.14
CA ASN A 159 7.55 3.22 22.10
C ASN A 159 8.01 1.88 22.59
N ALA A 160 7.32 1.36 23.59
CA ALA A 160 7.57 0.00 24.03
C ALA A 160 6.85 -0.88 23.02
N LEU A 161 6.04 -0.24 22.17
CA LEU A 161 5.29 -0.94 21.14
C LEU A 161 6.26 -1.66 20.16
N PRO A 162 6.06 -2.98 19.99
CA PRO A 162 6.82 -3.86 19.10
C PRO A 162 6.27 -3.99 17.70
N PHE A 163 4.95 -3.88 17.55
CA PHE A 163 4.33 -4.05 16.24
C PHE A 163 4.24 -2.72 15.56
N GLN A 164 4.39 -2.80 14.23
CA GLN A 164 4.54 -1.63 13.39
C GLN A 164 3.29 -0.73 13.31
N GLU A 165 2.15 -1.24 12.83
CA GLU A 165 0.98 -0.39 12.52
C GLU A 165 -0.32 -0.86 13.19
N PHE A 166 -1.01 0.09 13.83
CA PHE A 166 -2.42 -0.08 14.15
C PHE A 166 -3.18 0.86 13.26
N MET A 167 -4.24 0.33 12.66
CA MET A 167 -5.05 1.07 11.72
C MET A 167 -6.51 1.01 12.13
N ILE A 168 -7.24 2.10 11.87
CA ILE A 168 -8.67 2.14 12.04
C ILE A 168 -9.34 2.19 10.67
N ALA A 169 -10.51 1.62 10.55
CA ALA A 169 -11.16 1.52 9.26
C ALA A 169 -12.68 1.63 9.40
N PRO A 170 -13.26 2.61 8.70
CA PRO A 170 -14.71 2.89 8.87
C PRO A 170 -15.56 1.95 8.05
N VAL A 171 -15.58 0.69 8.45
CA VAL A 171 -16.20 -0.32 7.62
C VAL A 171 -17.70 -0.18 7.50
N LYS A 172 -18.39 0.44 8.48
CA LYS A 172 -19.84 0.62 8.35
C LYS A 172 -20.23 1.96 7.75
N ALA A 173 -19.28 2.64 7.13
CA ALA A 173 -19.63 3.84 6.40
C ALA A 173 -20.52 3.46 5.23
N GLY A 174 -21.27 4.42 4.72
CA GLY A 174 -22.17 4.21 3.60
C GLY A 174 -21.58 4.73 2.31
N SER A 175 -20.55 5.55 2.40
CA SER A 175 -19.87 6.04 1.22
C SER A 175 -18.44 6.43 1.61
N PHE A 176 -17.62 6.81 0.63
CA PHE A 176 -16.27 7.18 0.92
C PHE A 176 -16.25 8.56 1.54
N ASN A 177 -17.21 9.39 1.13
CA ASN A 177 -17.31 10.74 1.66
C ASN A 177 -17.45 10.65 3.16
N GLU A 178 -18.34 9.75 3.62
CA GLU A 178 -18.60 9.55 5.04
C GLU A 178 -17.40 8.83 5.71
N ALA A 179 -16.80 7.87 5.01
CA ALA A 179 -15.65 7.16 5.55
C ALA A 179 -14.53 8.11 5.88
N LEU A 180 -14.26 9.06 5.00
CA LEU A 180 -13.11 9.94 5.19
C LEU A 180 -13.38 10.82 6.41
N ARG A 181 -14.56 11.40 6.49
CA ARG A 181 -14.92 12.20 7.67
C ARG A 181 -14.83 11.38 8.96
N MET A 182 -15.30 10.14 8.90
CA MET A 182 -15.31 9.31 10.10
C MET A 182 -13.88 9.12 10.55
N GLY A 183 -13.02 8.76 9.60
CA GLY A 183 -11.63 8.52 9.90
C GLY A 183 -10.94 9.74 10.49
N ALA A 184 -11.24 10.89 9.88
CA ALA A 184 -10.73 12.19 10.33
C ALA A 184 -11.15 12.49 11.78
N GLU A 185 -12.43 12.27 12.08
CA GLU A 185 -12.95 12.62 13.40
C GLU A 185 -12.28 11.75 14.45
N VAL A 186 -12.14 10.47 14.17
CA VAL A 186 -11.54 9.59 15.14
C VAL A 186 -10.08 9.98 15.33
N TYR A 187 -9.51 10.57 14.26
CA TYR A 187 -8.10 10.94 14.28
C TYR A 187 -7.87 12.08 15.26
N HIS A 188 -8.65 13.13 15.09
CA HIS A 188 -8.67 14.26 16.03
C HIS A 188 -9.02 13.85 17.46
N SER A 189 -9.92 12.90 17.58
CA SER A 189 -10.33 12.38 18.86
C SER A 189 -9.13 11.64 19.47
N LEU A 190 -8.43 10.88 18.63
CA LEU A 190 -7.26 10.12 19.07
C LEU A 190 -6.15 11.04 19.57
N LYS A 191 -5.86 12.04 18.75
CA LYS A 191 -4.84 13.02 19.07
C LYS A 191 -5.11 13.62 20.43
N SER A 192 -6.39 13.90 20.66
CA SER A 192 -6.89 14.56 21.85
C SER A 192 -6.64 13.74 23.12
N ILE A 193 -7.02 12.46 23.05
CA ILE A 193 -6.75 11.49 24.08
C ILE A 193 -5.24 11.40 24.34
N ILE A 194 -4.49 10.93 23.35
CA ILE A 194 -3.03 10.91 23.43
C ILE A 194 -2.41 12.18 24.03
N LYS A 195 -2.83 13.36 23.59
CA LYS A 195 -2.25 14.58 24.15
C LYS A 195 -2.63 14.74 25.63
N LYS A 196 -3.79 14.22 26.01
CA LYS A 196 -4.17 14.27 27.42
C LYS A 196 -3.23 13.41 28.25
N LYS A 197 -2.91 12.21 27.74
CA LYS A 197 -2.15 11.24 28.53
C LYS A 197 -0.63 11.33 28.37
N TYR A 198 -0.13 11.96 27.31
CA TYR A 198 1.32 11.97 27.07
C TYR A 198 1.95 13.35 26.79
N GLY A 199 1.16 14.33 26.34
CA GLY A 199 1.66 15.68 26.12
C GLY A 199 1.75 16.09 24.66
N GLN A 200 1.99 17.39 24.42
CA GLN A 200 1.99 17.94 23.09
C GLN A 200 2.94 17.17 22.20
N ASP A 201 4.17 17.01 22.67
CA ASP A 201 5.21 16.41 21.84
C ASP A 201 4.77 15.04 21.31
N ALA A 202 3.99 14.30 22.10
CA ALA A 202 3.56 12.94 21.74
C ALA A 202 2.62 12.80 20.51
N VAL A 203 2.13 13.90 19.96
CA VAL A 203 1.17 13.76 18.84
C VAL A 203 1.73 14.21 17.51
N ASN A 204 2.94 14.75 17.50
CA ASN A 204 3.70 14.90 16.25
C ASN A 204 3.64 13.56 15.48
N VAL A 205 3.84 13.57 14.17
CA VAL A 205 3.49 12.41 13.33
C VAL A 205 4.68 11.72 12.68
N GLY A 206 4.49 10.44 12.38
CA GLY A 206 5.45 9.65 11.65
C GLY A 206 5.31 9.91 10.16
N ASP A 207 6.00 9.07 9.38
CA ASP A 207 6.09 9.22 7.95
C ASP A 207 4.77 9.04 7.24
N GLU A 208 3.87 8.31 7.86
CA GLU A 208 2.59 8.04 7.27
C GLU A 208 1.47 8.81 7.98
N GLY A 209 1.78 9.69 8.93
CA GLY A 209 0.80 10.65 9.42
C GLY A 209 0.09 10.28 10.73
N GLY A 210 0.31 9.06 11.20
CA GLY A 210 -0.19 8.63 12.48
C GLY A 210 0.79 8.99 13.58
N PHE A 211 0.45 8.57 14.80
CA PHE A 211 1.13 8.99 16.00
C PHE A 211 2.08 7.92 16.56
N ALA A 212 3.08 8.37 17.28
CA ALA A 212 4.08 7.48 17.84
C ALA A 212 4.19 7.74 19.35
N PRO A 213 3.06 7.69 20.05
CA PRO A 213 3.11 8.04 21.48
C PRO A 213 4.06 7.10 22.18
N PRO A 214 4.66 7.56 23.26
CA PRO A 214 5.47 6.68 24.10
C PRO A 214 4.58 5.80 24.95
N ILE A 215 3.91 4.81 24.36
CA ILE A 215 3.11 3.89 25.18
C ILE A 215 4.08 2.86 25.78
N THR A 216 3.65 2.19 26.84
CA THR A 216 4.54 1.24 27.53
C THR A 216 3.89 -0.13 27.76
N ASP A 217 2.56 -0.19 27.66
CA ASP A 217 1.83 -1.44 27.88
C ASP A 217 1.38 -2.01 26.53
N ILE A 218 1.83 -3.25 26.23
CA ILE A 218 1.50 -3.94 24.97
C ILE A 218 -0.01 -4.04 24.82
N ASN A 219 -0.73 -3.86 25.92
CA ASN A 219 -2.20 -3.83 25.89
C ASN A 219 -2.86 -2.44 25.99
N GLU A 220 -2.08 -1.37 26.00
CA GLU A 220 -2.66 -0.04 26.10
C GLU A 220 -3.13 0.57 24.77
N PRO A 221 -2.54 0.14 23.63
CA PRO A 221 -2.88 0.68 22.29
C PRO A 221 -4.24 0.28 21.68
N LEU A 222 -4.63 -0.99 21.72
CA LEU A 222 -5.92 -1.35 21.11
C LEU A 222 -7.04 -0.60 21.82
N PRO A 223 -7.06 -0.59 23.19
CA PRO A 223 -8.14 0.16 23.82
C PRO A 223 -8.08 1.69 23.60
N ILE A 224 -6.91 2.30 23.43
CA ILE A 224 -6.89 3.72 23.03
C ILE A 224 -7.82 3.93 21.81
N LEU A 225 -7.66 3.09 20.80
CA LEU A 225 -8.44 3.19 19.57
C LEU A 225 -9.92 3.06 19.86
N MET A 226 -10.29 2.09 20.69
CA MET A 226 -11.71 1.92 20.99
C MET A 226 -12.28 3.19 21.62
N GLU A 227 -11.46 3.80 22.50
CA GLU A 227 -11.81 5.07 23.13
C GLU A 227 -11.94 6.21 22.11
N ALA A 228 -11.05 6.26 21.13
CA ALA A 228 -11.11 7.33 20.12
C ALA A 228 -12.35 7.19 19.22
N ILE A 229 -12.75 5.95 18.96
CA ILE A 229 -13.91 5.67 18.14
C ILE A 229 -15.18 6.15 18.88
N GLU A 230 -15.28 5.84 20.16
CA GLU A 230 -16.47 6.26 20.90
C GLU A 230 -16.54 7.80 21.00
N GLN A 231 -15.42 8.43 21.34
CA GLN A 231 -15.41 9.87 21.56
C GLN A 231 -15.73 10.60 20.26
N ALA A 232 -15.42 9.96 19.13
CA ALA A 232 -15.67 10.53 17.81
C ALA A 232 -17.15 10.44 17.43
N GLY A 233 -17.84 9.49 18.04
CA GLY A 233 -19.26 9.27 17.80
C GLY A 233 -19.56 8.07 16.93
N HIS A 234 -18.60 7.15 16.79
CA HIS A 234 -18.73 6.06 15.81
C HIS A 234 -18.57 4.67 16.38
N LYS A 235 -18.93 4.54 17.67
CA LYS A 235 -19.04 3.24 18.34
C LYS A 235 -19.71 2.18 17.45
N GLY A 236 -18.98 1.07 17.23
CA GLY A 236 -19.48 -0.05 16.47
C GLY A 236 -19.55 0.12 14.96
N ARG A 237 -18.95 1.19 14.42
CA ARG A 237 -18.91 1.39 12.96
C ARG A 237 -17.51 1.23 12.35
N PHE A 238 -16.50 1.08 13.21
CA PHE A 238 -15.10 0.89 12.84
C PHE A 238 -14.59 -0.52 13.05
N ALA A 239 -13.64 -0.93 12.21
CA ALA A 239 -12.87 -2.14 12.49
C ALA A 239 -11.42 -1.74 12.65
N ILE A 240 -10.58 -2.72 12.98
CA ILE A 240 -9.16 -2.50 13.26
C ILE A 240 -8.28 -3.40 12.38
N CYS A 241 -7.20 -2.84 11.85
CA CYS A 241 -6.27 -3.60 11.04
C CYS A 241 -4.90 -3.48 11.68
N MET A 242 -4.17 -4.58 11.74
CA MET A 242 -2.83 -4.51 12.27
C MET A 242 -1.85 -4.83 11.19
N ASP A 243 -0.64 -4.32 11.35
CA ASP A 243 0.52 -4.78 10.61
C ASP A 243 1.61 -5.05 11.65
N SER A 244 1.86 -6.32 11.96
CA SER A 244 2.88 -6.68 12.94
C SER A 244 4.31 -6.47 12.46
N ALA A 245 4.55 -6.62 11.15
CA ALA A 245 5.91 -6.70 10.62
C ALA A 245 6.77 -7.61 11.50
N ALA A 246 6.33 -8.84 11.71
CA ALA A 246 6.97 -9.71 12.67
C ALA A 246 8.47 -10.01 12.37
N SER A 247 8.86 -9.97 11.11
CA SER A 247 10.25 -10.24 10.74
C SER A 247 11.22 -9.46 11.60
N GLU A 248 10.79 -8.28 12.02
CA GLU A 248 11.67 -7.32 12.66
C GLU A 248 11.93 -7.67 14.11
N THR A 249 11.27 -8.71 14.64
CA THR A 249 11.42 -9.05 16.06
C THR A 249 12.00 -10.47 16.22
N TYR A 250 12.46 -11.05 15.11
CA TYR A 250 12.71 -12.49 15.03
C TYR A 250 14.20 -12.87 15.00
N ASP A 251 14.51 -14.09 15.47
CA ASP A 251 15.86 -14.63 15.36
C ASP A 251 15.81 -15.90 14.52
N GLU A 252 16.37 -15.81 13.31
CA GLU A 252 16.59 -16.99 12.49
C GLU A 252 17.29 -18.04 13.34
N ASN A 253 18.05 -17.58 14.34
CA ASN A 253 18.82 -18.49 15.17
C ASN A 253 18.05 -19.02 16.41
N LYS A 254 17.32 -18.13 17.10
CA LYS A 254 16.60 -18.54 18.32
C LYS A 254 15.23 -19.10 17.99
N LYS A 255 14.85 -19.00 16.73
CA LYS A 255 13.59 -19.56 16.29
C LYS A 255 12.36 -18.91 16.96
N GLN A 256 12.56 -17.79 17.65
CA GLN A 256 11.49 -17.15 18.44
C GLN A 256 11.36 -15.65 18.15
N TYR A 257 10.46 -14.97 18.85
CA TYR A 257 10.21 -13.54 18.65
C TYR A 257 10.31 -12.75 19.95
N ASN A 258 10.85 -11.53 19.87
CA ASN A 258 11.11 -10.70 21.05
C ASN A 258 10.11 -9.54 21.26
N LEU A 259 8.96 -9.86 21.88
CA LEU A 259 7.84 -8.91 22.00
C LEU A 259 8.19 -7.65 22.79
N ALA A 266 14.40 -8.68 27.73
CA ALA A 266 13.79 -9.07 26.46
C ALA A 266 12.76 -10.20 26.62
N THR A 267 11.54 -9.99 26.09
CA THR A 267 10.45 -10.99 26.18
C THR A 267 10.32 -11.90 24.95
N TRP A 268 11.14 -12.95 24.88
CA TRP A 268 11.13 -13.91 23.77
C TRP A 268 9.94 -14.90 23.88
N VAL A 269 9.29 -15.18 22.74
CA VAL A 269 8.10 -16.03 22.69
C VAL A 269 8.03 -16.86 21.41
N THR A 270 7.34 -17.99 21.49
CA THR A 270 7.24 -18.92 20.37
C THR A 270 6.28 -18.35 19.37
N ALA A 271 6.11 -19.05 18.27
CA ALA A 271 5.09 -18.67 17.28
C ALA A 271 3.75 -19.18 17.77
N LYS A 272 3.80 -20.38 18.34
CA LYS A 272 2.65 -20.99 18.99
C LYS A 272 2.13 -19.98 20.02
N GLN A 273 3.06 -19.49 20.84
CA GLN A 273 2.77 -18.58 21.93
C GLN A 273 2.28 -17.23 21.42
N LEU A 274 2.87 -16.77 20.31
CA LEU A 274 2.46 -15.49 19.72
C LEU A 274 1.08 -15.56 19.09
N ALA A 275 0.63 -16.75 18.71
CA ALA A 275 -0.74 -16.89 18.23
C ALA A 275 -1.69 -16.66 19.40
N GLU A 276 -1.32 -17.16 20.59
CA GLU A 276 -2.15 -16.94 21.78
C GLU A 276 -2.48 -15.45 21.92
N THR A 277 -1.51 -14.59 21.63
CA THR A 277 -1.75 -13.16 21.73
C THR A 277 -2.74 -12.68 20.65
N TYR A 278 -2.49 -13.00 19.38
CA TYR A 278 -3.39 -12.66 18.27
C TYR A 278 -4.81 -13.17 18.48
N ALA A 279 -4.96 -14.26 19.21
CA ALA A 279 -6.28 -14.82 19.42
C ALA A 279 -7.02 -13.94 20.41
N LYS A 280 -6.32 -13.56 21.49
CA LYS A 280 -6.89 -12.78 22.58
C LYS A 280 -7.28 -11.36 22.12
N TRP A 281 -6.73 -10.91 21.01
CA TRP A 281 -6.98 -9.59 20.49
C TRP A 281 -8.13 -9.60 19.53
N VAL A 282 -8.14 -10.60 18.63
CA VAL A 282 -9.23 -10.70 17.66
C VAL A 282 -10.50 -11.15 18.32
N SER A 283 -10.36 -11.76 19.50
CA SER A 283 -11.51 -12.17 20.31
C SER A 283 -12.13 -10.98 21.02
N GLU A 284 -11.27 -10.17 21.64
CA GLU A 284 -11.64 -8.98 22.38
C GLU A 284 -12.09 -7.81 21.47
N TYR A 285 -11.30 -7.57 20.41
CA TYR A 285 -11.42 -6.36 19.60
C TYR A 285 -11.93 -6.67 18.19
N PRO A 286 -12.44 -5.65 17.49
CA PRO A 286 -13.00 -5.83 16.14
C PRO A 286 -11.90 -5.70 15.10
N ILE A 287 -10.96 -6.64 15.16
CA ILE A 287 -9.83 -6.71 14.26
C ILE A 287 -10.21 -7.57 13.06
N VAL A 288 -10.13 -6.99 11.86
CA VAL A 288 -10.57 -7.70 10.66
C VAL A 288 -9.44 -8.08 9.70
N SER A 289 -8.21 -7.59 9.97
CA SER A 289 -7.05 -7.85 9.10
C SER A 289 -5.78 -7.85 9.93
N LEU A 290 -4.92 -8.82 9.62
CA LEU A 290 -3.63 -8.90 10.29
C LEU A 290 -2.56 -9.11 9.25
N GLU A 291 -1.64 -8.16 9.20
CA GLU A 291 -0.62 -8.13 8.17
C GLU A 291 0.75 -8.54 8.76
N ASP A 292 1.55 -9.27 7.99
CA ASP A 292 2.85 -9.85 8.46
C ASP A 292 2.88 -10.28 9.95
N PRO A 293 1.96 -11.16 10.35
CA PRO A 293 1.94 -11.59 11.75
C PRO A 293 3.16 -12.41 12.12
N TYR A 294 3.79 -13.00 11.11
CA TYR A 294 5.01 -13.77 11.35
C TYR A 294 6.08 -13.32 10.36
N ASP A 295 7.25 -13.96 10.47
CA ASP A 295 8.41 -13.62 9.68
C ASP A 295 8.12 -13.93 8.23
N GLN A 296 8.84 -13.25 7.34
CA GLN A 296 8.64 -13.31 5.88
C GLN A 296 9.03 -14.64 5.25
N ASP A 297 9.48 -15.61 6.07
CA ASP A 297 9.77 -16.98 5.61
C ASP A 297 9.13 -18.04 6.51
N ASP A 298 8.24 -17.59 7.41
CA ASP A 298 7.59 -18.51 8.36
C ASP A 298 6.26 -18.98 7.79
N PHE A 299 6.31 -19.54 6.58
CA PHE A 299 5.12 -20.00 5.90
C PHE A 299 4.21 -20.85 6.79
N ASP A 300 4.78 -21.57 7.75
CA ASP A 300 3.97 -22.47 8.55
C ASP A 300 3.30 -21.71 9.70
N GLY A 301 4.01 -20.71 10.25
CA GLY A 301 3.44 -19.89 11.31
C GLY A 301 2.28 -19.06 10.78
N PHE A 302 2.44 -18.61 9.55
CA PHE A 302 1.43 -17.86 8.83
C PHE A 302 0.20 -18.75 8.62
N ALA A 303 0.47 -20.00 8.28
CA ALA A 303 -0.56 -20.89 7.77
C ALA A 303 -1.56 -21.22 8.87
N GLY A 304 -1.03 -21.53 10.05
CA GLY A 304 -1.80 -21.90 11.21
C GLY A 304 -2.70 -20.77 11.67
N ILE A 305 -2.16 -19.56 11.83
CA ILE A 305 -2.98 -18.43 12.26
C ILE A 305 -4.06 -18.06 11.24
N THR A 306 -3.75 -18.28 9.96
CA THR A 306 -4.73 -18.07 8.89
C THR A 306 -5.95 -18.98 9.10
N GLU A 307 -5.70 -20.28 9.27
CA GLU A 307 -6.74 -21.26 9.65
C GLU A 307 -7.43 -20.82 10.94
N ALA A 308 -6.67 -20.68 12.01
CA ALA A 308 -7.25 -20.23 13.28
C ALA A 308 -8.27 -19.07 13.04
N LEU A 309 -7.87 -18.07 12.26
CA LEU A 309 -8.71 -16.87 12.09
C LEU A 309 -9.65 -16.90 10.89
N LYS A 310 -9.74 -18.04 10.21
CA LYS A 310 -10.77 -18.21 9.20
C LYS A 310 -12.10 -17.58 9.69
N GLY A 311 -12.61 -16.62 8.94
CA GLY A 311 -13.91 -16.05 9.24
C GLY A 311 -13.92 -14.89 10.22
N LYS A 312 -12.79 -14.66 10.88
CA LYS A 312 -12.69 -13.54 11.80
C LYS A 312 -11.86 -12.39 11.19
N ALA A 313 -10.66 -12.71 10.74
CA ALA A 313 -9.75 -11.71 10.21
C ALA A 313 -9.01 -12.30 9.00
N GLN A 314 -8.74 -11.46 8.01
CA GLN A 314 -7.88 -11.84 6.91
C GLN A 314 -6.43 -11.86 7.38
N VAL A 315 -5.62 -12.71 6.74
CA VAL A 315 -4.17 -12.68 6.99
C VAL A 315 -3.50 -12.12 5.74
N VAL A 316 -2.80 -11.01 5.90
CA VAL A 316 -2.31 -10.35 4.71
C VAL A 316 -0.78 -10.42 4.59
N GLY A 317 -0.34 -10.90 3.43
CA GLY A 317 1.07 -10.95 3.10
C GLY A 317 1.53 -9.60 2.62
N ASP A 318 2.59 -9.11 3.23
CA ASP A 318 3.29 -7.93 2.74
C ASP A 318 4.76 -8.31 2.47
N ASP A 319 5.54 -8.53 3.52
CA ASP A 319 6.90 -9.01 3.36
C ASP A 319 6.85 -10.43 2.87
N LEU A 320 5.92 -11.20 3.41
CA LEU A 320 5.70 -12.55 2.93
C LEU A 320 5.72 -12.64 1.41
N THR A 321 4.85 -11.86 0.75
CA THR A 321 4.56 -12.07 -0.67
C THR A 321 5.23 -11.05 -1.58
N VAL A 322 5.58 -9.91 -1.01
CA VAL A 322 6.40 -8.91 -1.67
C VAL A 322 5.86 -8.54 -3.08
N THR A 323 4.53 -8.63 -3.27
CA THR A 323 3.86 -8.46 -4.55
C THR A 323 4.57 -9.28 -5.61
N ASN A 324 4.74 -10.58 -5.35
CA ASN A 324 5.59 -11.45 -6.20
C ASN A 324 4.86 -12.78 -6.49
N VAL A 325 4.64 -13.05 -7.78
CA VAL A 325 3.84 -14.19 -8.19
C VAL A 325 4.35 -15.52 -7.62
N SER A 326 5.66 -15.73 -7.69
CA SER A 326 6.27 -16.97 -7.18
C SER A 326 6.22 -17.07 -5.66
N ARG A 327 6.16 -15.93 -4.96
CA ARG A 327 5.94 -15.93 -3.50
C ARG A 327 4.47 -16.17 -3.20
N ILE A 328 3.61 -15.59 -4.03
CA ILE A 328 2.19 -15.78 -3.88
C ILE A 328 1.84 -17.26 -4.10
N LYS A 329 2.36 -17.88 -5.17
CA LYS A 329 2.13 -19.32 -5.43
C LYS A 329 2.67 -20.19 -4.30
N THR A 330 3.86 -19.84 -3.79
CA THR A 330 4.34 -20.49 -2.58
C THR A 330 3.26 -20.38 -1.49
N ALA A 331 2.79 -19.17 -1.24
CA ALA A 331 1.79 -18.91 -0.19
C ALA A 331 0.49 -19.72 -0.36
N ILE A 332 0.07 -19.86 -1.61
CA ILE A 332 -1.19 -20.55 -1.92
C ILE A 332 -1.06 -22.02 -1.68
N GLU A 333 0.14 -22.55 -1.98
CA GLU A 333 0.44 -23.95 -1.73
C GLU A 333 0.33 -24.21 -0.22
N LYS A 334 1.07 -23.44 0.58
CA LYS A 334 1.05 -23.65 2.02
C LYS A 334 -0.22 -23.06 2.70
N LYS A 335 -1.17 -22.55 1.91
CA LYS A 335 -2.35 -21.89 2.49
C LYS A 335 -1.94 -20.98 3.65
N ALA A 336 -0.99 -20.07 3.38
CA ALA A 336 -0.31 -19.29 4.42
C ALA A 336 -0.99 -17.92 4.76
N CYS A 337 -1.61 -17.29 3.76
CA CYS A 337 -2.37 -16.07 4.00
C CYS A 337 -3.55 -16.11 3.04
N ASN A 338 -4.42 -15.10 3.12
CA ASN A 338 -5.52 -14.99 2.18
C ASN A 338 -5.72 -13.57 1.71
N SER A 339 -4.74 -12.72 1.99
CA SER A 339 -4.79 -11.33 1.54
C SER A 339 -3.40 -10.78 1.09
N LEU A 340 -3.39 -10.16 -0.07
CA LEU A 340 -2.18 -9.60 -0.65
C LEU A 340 -2.12 -8.10 -0.42
N LEU A 341 -1.03 -7.62 0.16
CA LEU A 341 -0.75 -6.20 0.12
C LEU A 341 -0.25 -5.93 -1.30
N LEU A 342 -0.83 -4.93 -2.00
CA LEU A 342 -0.47 -4.69 -3.40
C LEU A 342 0.36 -3.41 -3.57
N LYS A 343 1.64 -3.57 -3.88
CA LYS A 343 2.56 -2.45 -4.05
C LYS A 343 3.13 -2.49 -5.48
N ILE A 344 2.70 -1.56 -6.32
CA ILE A 344 3.05 -1.53 -7.75
C ILE A 344 4.55 -1.43 -7.99
N ASN A 345 5.28 -0.73 -7.12
CA ASN A 345 6.71 -0.51 -7.35
C ASN A 345 7.59 -1.69 -6.89
N GLN A 346 6.98 -2.70 -6.26
CA GLN A 346 7.68 -3.92 -5.91
C GLN A 346 7.68 -4.89 -7.06
N ILE A 347 6.77 -4.70 -8.00
CA ILE A 347 6.67 -5.61 -9.14
C ILE A 347 7.15 -4.85 -10.41
N GLY A 348 6.65 -3.65 -10.63
CA GLY A 348 7.32 -2.74 -11.56
C GLY A 348 6.60 -2.32 -12.83
N THR A 349 5.52 -3.00 -13.17
CA THR A 349 4.68 -2.60 -14.29
C THR A 349 3.22 -2.80 -13.84
N ILE A 350 2.36 -2.02 -14.47
CA ILE A 350 0.96 -2.08 -14.24
C ILE A 350 0.39 -3.41 -14.73
N THR A 351 0.86 -3.91 -15.86
CA THR A 351 0.33 -5.14 -16.36
C THR A 351 0.56 -6.26 -15.34
N GLU A 352 1.80 -6.39 -14.83
CA GLU A 352 2.08 -7.39 -13.80
C GLU A 352 1.27 -7.17 -12.54
N ALA A 353 1.22 -5.93 -12.03
CA ALA A 353 0.48 -5.64 -10.82
C ALA A 353 -0.97 -6.09 -10.94
N ILE A 354 -1.57 -5.81 -12.09
CA ILE A 354 -2.95 -6.24 -12.37
C ILE A 354 -3.03 -7.76 -12.45
N GLU A 355 -2.10 -8.37 -13.17
CA GLU A 355 -2.01 -9.83 -13.20
C GLU A 355 -1.96 -10.43 -11.79
N ALA A 356 -1.18 -9.80 -10.91
CA ALA A 356 -1.01 -10.32 -9.57
C ALA A 356 -2.35 -10.24 -8.83
N SER A 357 -3.05 -9.12 -8.98
CA SER A 357 -4.35 -8.90 -8.34
C SER A 357 -5.38 -9.91 -8.81
N LYS A 358 -5.53 -10.07 -10.12
CA LYS A 358 -6.44 -11.07 -10.68
C LYS A 358 -6.15 -12.47 -10.13
N PHE A 359 -4.87 -12.83 -10.07
CA PHE A 359 -4.46 -14.15 -9.61
C PHE A 359 -4.81 -14.38 -8.14
N CYS A 360 -4.62 -13.38 -7.30
CA CYS A 360 -4.90 -13.62 -5.90
C CYS A 360 -6.43 -13.71 -5.77
N MET A 361 -7.13 -12.75 -6.33
CA MET A 361 -8.58 -12.79 -6.26
C MET A 361 -9.14 -14.13 -6.79
N SER A 362 -8.56 -14.68 -7.85
CA SER A 362 -9.16 -15.87 -8.45
C SER A 362 -8.86 -17.10 -7.61
N ASN A 363 -7.80 -17.02 -6.81
CA ASN A 363 -7.52 -18.01 -5.75
C ASN A 363 -8.19 -17.68 -4.39
N GLY A 364 -9.22 -16.85 -4.38
CA GLY A 364 -9.93 -16.54 -3.15
C GLY A 364 -9.32 -15.52 -2.18
N TRP A 365 -8.38 -14.69 -2.63
CA TRP A 365 -7.81 -13.73 -1.70
C TRP A 365 -8.46 -12.39 -1.88
N SER A 366 -8.38 -11.56 -0.85
CA SER A 366 -8.64 -10.14 -1.04
C SER A 366 -7.36 -9.46 -1.49
N VAL A 367 -7.49 -8.20 -1.91
CA VAL A 367 -6.36 -7.39 -2.28
C VAL A 367 -6.42 -6.02 -1.63
N MET A 368 -5.44 -5.75 -0.77
CA MET A 368 -5.28 -4.40 -0.21
C MET A 368 -4.22 -3.59 -0.98
N VAL A 369 -4.66 -2.59 -1.76
CA VAL A 369 -3.72 -1.72 -2.48
C VAL A 369 -3.07 -0.82 -1.48
N SER A 370 -1.80 -0.51 -1.68
CA SER A 370 -1.00 0.12 -0.66
C SER A 370 -0.04 1.19 -1.17
N HIS A 371 0.14 2.18 -0.33
CA HIS A 371 1.15 3.19 -0.47
C HIS A 371 2.49 2.59 -0.06
N ARG A 372 3.54 3.39 -0.18
CA ARG A 372 4.81 3.04 0.43
C ARG A 372 5.06 4.09 1.48
N SER A 373 6.02 3.87 2.35
CA SER A 373 6.27 4.81 3.43
C SER A 373 6.88 6.06 2.87
N GLY A 374 7.54 5.96 1.73
CA GLY A 374 7.97 7.15 0.98
C GLY A 374 7.02 7.41 -0.19
N GLU A 375 6.23 8.47 -0.12
CA GLU A 375 5.26 8.73 -1.14
C GLU A 375 5.42 10.11 -1.75
N THR A 376 4.57 10.41 -2.72
CA THR A 376 4.60 11.67 -3.41
C THR A 376 3.16 12.09 -3.57
N GLU A 377 3.00 13.28 -4.13
CA GLU A 377 1.69 13.82 -4.43
C GLU A 377 0.95 13.01 -5.53
N ASP A 378 1.59 11.98 -6.05
CA ASP A 378 0.96 11.13 -7.03
C ASP A 378 -0.30 10.47 -6.47
N THR A 379 -1.29 10.23 -7.31
CA THR A 379 -2.55 9.66 -6.83
C THR A 379 -2.95 8.41 -7.58
N TYR A 380 -2.02 7.88 -8.36
CA TYR A 380 -2.32 6.70 -9.12
C TYR A 380 -3.09 5.62 -8.33
N ILE A 381 -2.67 5.28 -7.11
CA ILE A 381 -3.26 4.14 -6.44
C ILE A 381 -4.72 4.34 -6.04
N ALA A 382 -5.18 5.57 -6.01
CA ALA A 382 -6.56 5.81 -5.75
C ALA A 382 -7.36 5.25 -6.95
N ASP A 383 -6.92 5.59 -8.16
CA ASP A 383 -7.57 5.07 -9.34
C ASP A 383 -7.40 3.57 -9.47
N LEU A 384 -6.24 3.04 -9.07
CA LEU A 384 -6.00 1.61 -9.24
C LEU A 384 -6.97 0.85 -8.38
N VAL A 385 -7.12 1.28 -7.14
CA VAL A 385 -7.84 0.44 -6.20
C VAL A 385 -9.31 0.40 -6.60
N VAL A 386 -9.80 1.52 -7.16
CA VAL A 386 -11.18 1.57 -7.64
C VAL A 386 -11.32 0.66 -8.86
N GLY A 387 -10.38 0.80 -9.80
CA GLY A 387 -10.43 0.05 -11.03
C GLY A 387 -10.29 -1.45 -10.82
N LEU A 388 -9.61 -1.85 -9.76
CA LEU A 388 -9.48 -3.26 -9.43
C LEU A 388 -10.67 -3.78 -8.64
N GLY A 389 -11.41 -2.87 -8.01
CA GLY A 389 -12.60 -3.20 -7.25
C GLY A 389 -12.31 -3.90 -5.93
N THR A 390 -11.12 -3.77 -5.36
CA THR A 390 -10.77 -4.62 -4.20
C THR A 390 -11.55 -4.28 -2.91
N GLY A 391 -12.06 -3.06 -2.82
CA GLY A 391 -12.72 -2.59 -1.62
C GLY A 391 -11.80 -2.25 -0.45
N GLN A 392 -10.49 -2.27 -0.68
CA GLN A 392 -9.54 -2.06 0.42
C GLN A 392 -8.29 -1.32 -0.05
N ILE A 393 -7.96 -0.24 0.67
CA ILE A 393 -6.75 0.51 0.46
C ILE A 393 -6.15 0.91 1.80
N LYS A 394 -4.84 0.96 1.81
CA LYS A 394 -4.05 1.49 2.88
C LYS A 394 -3.15 2.57 2.27
N THR A 395 -3.36 3.82 2.68
CA THR A 395 -2.68 4.96 2.10
C THR A 395 -2.36 6.08 3.08
N GLY A 396 -2.34 5.77 4.37
CA GLY A 396 -2.01 6.75 5.37
C GLY A 396 -3.11 7.07 6.35
N ALA A 397 -2.72 7.74 7.42
CA ALA A 397 -3.61 8.56 8.21
C ALA A 397 -4.21 9.64 7.31
N PRO A 398 -5.27 10.29 7.80
CA PRO A 398 -5.91 11.43 7.13
C PRO A 398 -5.16 12.70 7.48
N CYS A 399 -3.90 12.68 7.15
CA CYS A 399 -2.97 13.69 7.58
C CYS A 399 -1.70 13.51 6.76
N ARG A 400 -1.12 14.60 6.28
CA ARG A 400 0.03 14.61 5.36
C ARG A 400 -0.41 14.48 3.91
N GLY A 401 0.04 15.45 3.11
CA GLY A 401 -0.40 15.66 1.76
C GLY A 401 -0.17 14.51 0.80
N GLU A 402 0.84 13.73 1.06
CA GLU A 402 1.15 12.62 0.17
C GLU A 402 0.18 11.47 0.52
N ARG A 403 -0.49 11.53 1.67
CA ARG A 403 -1.62 10.60 1.99
C ARG A 403 -3.01 11.17 1.62
N THR A 404 -3.21 12.43 1.92
CA THR A 404 -4.50 13.04 1.69
C THR A 404 -4.74 13.23 0.16
N ALA A 405 -3.70 13.41 -0.63
CA ALA A 405 -3.94 13.55 -2.07
C ALA A 405 -4.66 12.31 -2.56
N LYS A 406 -4.35 11.15 -1.97
CA LYS A 406 -5.03 9.90 -2.37
C LYS A 406 -6.47 9.88 -1.87
N LEU A 407 -6.68 10.29 -0.63
CA LEU A 407 -8.03 10.23 -0.07
C LEU A 407 -8.95 11.18 -0.87
N ASN A 408 -8.42 12.34 -1.25
CA ASN A 408 -9.14 13.33 -2.04
C ASN A 408 -9.47 12.85 -3.45
N GLN A 409 -8.58 12.09 -4.02
CA GLN A 409 -8.78 11.60 -5.35
C GLN A 409 -9.91 10.62 -5.26
N LEU A 410 -9.95 9.89 -4.13
CA LEU A 410 -11.05 8.96 -3.94
C LEU A 410 -12.46 9.66 -3.85
N LEU A 411 -12.53 10.81 -3.16
CA LEU A 411 -13.77 11.62 -3.13
C LEU A 411 -14.16 12.04 -4.55
N ARG A 412 -13.17 12.51 -5.32
CA ARG A 412 -13.40 12.94 -6.71
C ARG A 412 -13.97 11.80 -7.55
N ILE A 413 -13.42 10.62 -7.39
CA ILE A 413 -13.87 9.45 -8.11
C ILE A 413 -15.28 9.11 -7.68
N GLU A 414 -15.56 9.15 -6.38
CA GLU A 414 -16.90 8.81 -5.92
C GLU A 414 -17.93 9.83 -6.45
N GLU A 415 -17.59 11.10 -6.42
CA GLU A 415 -18.47 12.13 -7.00
C GLU A 415 -18.81 11.79 -8.48
N GLU A 416 -17.77 11.47 -9.23
CA GLU A 416 -17.96 11.23 -10.65
C GLU A 416 -18.87 10.01 -10.89
N LEU A 417 -18.70 8.98 -10.06
CA LEU A 417 -19.54 7.78 -10.16
C LEU A 417 -21.04 8.04 -9.82
N GLY A 418 -21.32 9.13 -9.08
CA GLY A 418 -22.68 9.46 -8.69
C GLY A 418 -23.18 8.66 -7.50
N ALA A 419 -24.47 8.80 -7.21
CA ALA A 419 -25.00 8.25 -5.96
C ALA A 419 -25.17 6.73 -6.04
N HIS A 420 -25.19 6.21 -7.27
CA HIS A 420 -25.25 4.78 -7.53
C HIS A 420 -23.97 4.01 -7.06
N ALA A 421 -22.79 4.61 -7.29
CA ALA A 421 -21.50 4.14 -6.80
C ALA A 421 -21.35 3.38 -5.48
N LYS A 422 -20.69 2.24 -5.55
CA LYS A 422 -20.64 1.29 -4.46
C LYS A 422 -19.46 1.54 -3.52
N PHE A 423 -19.63 1.23 -2.24
CA PHE A 423 -18.58 1.46 -1.25
C PHE A 423 -18.20 0.30 -0.30
N GLY A 424 -16.90 0.17 -0.10
CA GLY A 424 -16.34 -0.64 0.98
C GLY A 424 -16.15 -2.11 0.66
N PHE A 425 -15.83 -2.88 1.69
CA PHE A 425 -15.57 -4.32 1.57
C PHE A 425 -16.78 -5.08 2.12
N PRO A 426 -17.54 -5.77 1.24
CA PRO A 426 -18.78 -6.45 1.57
C PRO A 426 -18.68 -7.27 2.81
N ALA A 427 -17.65 -8.07 2.96
CA ALA A 427 -17.53 -8.95 4.13
C ALA A 427 -17.35 -8.19 5.45
N TRP A 428 -16.92 -6.93 5.35
CA TRP A 428 -16.79 -6.09 6.54
C TRP A 428 -17.99 -5.15 6.70
N SER A 429 -18.82 -5.05 5.66
CA SER A 429 -19.96 -4.12 5.69
C SER A 429 -21.15 -4.70 6.46
MG MG B . 4.14 -3.87 6.33
C1 EDO C . -10.49 12.83 -11.20
O1 EDO C . -9.17 12.83 -11.77
C2 EDO C . -11.19 11.60 -11.78
O2 EDO C . -11.85 11.04 -10.64
H11 EDO C . -10.42 12.77 -10.12
H12 EDO C . -11.02 13.74 -11.48
HO1 EDO C . -8.67 13.59 -11.44
H21 EDO C . -11.90 11.88 -12.55
H22 EDO C . -10.46 10.89 -12.20
HO2 EDO C . -12.33 10.25 -10.90
#